data_4Y2F
#
_entry.id   4Y2F
#
_cell.length_a   35.250
_cell.length_b   57.540
_cell.length_c   61.060
_cell.angle_alpha   90.00
_cell.angle_beta   90.00
_cell.angle_gamma   90.00
#
_symmetry.space_group_name_H-M   'P 21 21 2'
#
loop_
_entity.id
_entity.type
_entity.pdbx_description
1 polymer 'Sensor protein KdpD'
2 water water
#
_entity_poly.entity_id   1
_entity_poly.type   'polypeptide(L)'
_entity_poly.pdbx_seq_one_letter_code
;GAMDLYEMSKALAVGRSPQDIAATSEQFIASTFHARSQVLLPDDNGKLQPLTHPQGMTPWDDAIAQWSFDKGLPAGAGTD
TLPGVPYQILPLKSGEKTYGLVVVEPGNLRQLMIPEQQRLLETFTLLVANALERLTKLAAALEHHHHHH
;
_entity_poly.pdbx_strand_id   A
#
# COMPACT_ATOMS: atom_id res chain seq x y z
N GLY A 1 -11.12 8.30 -9.76
CA GLY A 1 -12.29 9.16 -9.84
C GLY A 1 -12.60 9.93 -8.57
N ALA A 2 -13.46 10.95 -8.71
CA ALA A 2 -13.80 11.85 -7.61
C ALA A 2 -14.40 11.10 -6.43
N MET A 3 -15.22 10.08 -6.69
CA MET A 3 -15.91 9.42 -5.60
C MET A 3 -15.16 8.21 -5.05
N ASP A 4 -14.00 7.89 -5.62
CA ASP A 4 -13.35 6.61 -5.30
C ASP A 4 -12.87 6.56 -3.85
N LEU A 5 -12.33 7.66 -3.33
CA LEU A 5 -11.83 7.67 -1.97
C LEU A 5 -12.96 7.39 -0.99
N TYR A 6 -14.09 8.06 -1.18
CA TYR A 6 -15.27 7.84 -0.35
C TYR A 6 -15.76 6.40 -0.46
N GLU A 7 -15.81 5.85 -1.68
CA GLU A 7 -16.29 4.47 -1.84
C GLU A 7 -15.34 3.48 -1.18
N MET A 8 -14.04 3.72 -1.30
CA MET A 8 -13.09 2.84 -0.62
C MET A 8 -13.25 2.95 0.89
N SER A 9 -13.49 4.16 1.41
CA SER A 9 -13.66 4.32 2.85
C SER A 9 -14.86 3.51 3.36
N LYS A 10 -15.95 3.46 2.59
CA LYS A 10 -17.08 2.65 2.99
C LYS A 10 -16.70 1.17 3.03
N ALA A 11 -15.91 0.71 2.05
CA ALA A 11 -15.52 -0.69 2.02
C ALA A 11 -14.50 -1.00 3.12
N LEU A 12 -13.60 -0.07 3.40
CA LEU A 12 -12.63 -0.28 4.47
C LEU A 12 -13.29 -0.30 5.85
N ALA A 13 -14.37 0.48 6.02
CA ALA A 13 -15.01 0.60 7.33
C ALA A 13 -15.56 -0.73 7.82
N VAL A 14 -15.94 -1.62 6.90
CA VAL A 14 -16.55 -2.89 7.30
C VAL A 14 -15.57 -4.05 7.22
N GLY A 15 -14.31 -3.80 6.86
CA GLY A 15 -13.32 -4.86 6.88
C GLY A 15 -13.14 -5.39 8.29
N ARG A 16 -13.02 -6.71 8.39
CA ARG A 16 -12.93 -7.39 9.68
C ARG A 16 -11.57 -8.01 9.96
N SER A 17 -10.67 -8.04 8.97
CA SER A 17 -9.39 -8.72 9.09
C SER A 17 -8.39 -7.98 8.21
N PRO A 18 -7.09 -8.05 8.52
CA PRO A 18 -6.09 -7.48 7.61
C PRO A 18 -6.25 -7.95 6.17
N GLN A 19 -6.58 -9.22 5.97
CA GLN A 19 -6.76 -9.72 4.61
C GLN A 19 -7.92 -9.03 3.91
N ASP A 20 -9.01 -8.79 4.63
CA ASP A 20 -10.10 -7.97 4.10
C ASP A 20 -9.58 -6.60 3.65
N ILE A 21 -8.83 -5.92 4.51
CA ILE A 21 -8.31 -4.60 4.19
C ILE A 21 -7.40 -4.66 2.97
N ALA A 22 -6.52 -5.66 2.93
CA ALA A 22 -5.60 -5.81 1.80
C ALA A 22 -6.36 -6.02 0.50
N ALA A 23 -7.36 -6.90 0.51
CA ALA A 23 -8.13 -7.16 -0.71
C ALA A 23 -8.87 -5.92 -1.17
N THR A 24 -9.51 -5.21 -0.25
CA THR A 24 -10.21 -3.97 -0.60
C THR A 24 -9.23 -2.94 -1.14
N SER A 25 -8.10 -2.77 -0.48
CA SER A 25 -7.14 -1.78 -0.95
C SER A 25 -6.64 -2.11 -2.36
N GLU A 26 -6.36 -3.38 -2.64
CA GLU A 26 -5.89 -3.77 -3.96
C GLU A 26 -6.95 -3.52 -5.03
N GLN A 27 -8.21 -3.85 -4.74
CA GLN A 27 -9.29 -3.64 -5.70
C GLN A 27 -9.38 -2.16 -6.08
N PHE A 28 -9.37 -1.29 -5.07
CA PHE A 28 -9.58 0.13 -5.35
C PHE A 28 -8.34 0.79 -5.92
N ILE A 29 -7.15 0.42 -5.45
CA ILE A 29 -5.96 1.01 -6.02
C ILE A 29 -5.79 0.58 -7.48
N ALA A 30 -6.10 -0.69 -7.78
CA ALA A 30 -6.06 -1.19 -9.15
C ALA A 30 -6.98 -0.41 -10.06
N SER A 31 -8.22 -0.20 -9.62
CA SER A 31 -9.21 0.47 -10.45
C SER A 31 -8.90 1.96 -10.58
N THR A 32 -8.65 2.64 -9.45
CA THR A 32 -8.48 4.09 -9.48
C THR A 32 -7.20 4.50 -10.19
N PHE A 33 -6.12 3.74 -10.00
CA PHE A 33 -4.80 4.14 -10.49
C PHE A 33 -4.33 3.29 -11.65
N HIS A 34 -5.21 2.45 -12.20
CA HIS A 34 -4.89 1.65 -13.39
C HIS A 34 -3.59 0.89 -13.20
N ALA A 35 -3.56 0.08 -12.14
CA ALA A 35 -2.30 -0.51 -11.69
C ALA A 35 -2.57 -1.86 -11.06
N ARG A 36 -1.55 -2.71 -11.06
CA ARG A 36 -1.59 -3.88 -10.20
C ARG A 36 -0.96 -3.51 -8.87
N SER A 37 -1.45 -4.10 -7.79
CA SER A 37 -0.89 -3.74 -6.51
C SER A 37 -0.92 -4.92 -5.57
N GLN A 38 -0.03 -4.86 -4.58
CA GLN A 38 0.04 -5.88 -3.54
C GLN A 38 0.31 -5.18 -2.21
N VAL A 39 -0.56 -5.41 -1.24
CA VAL A 39 -0.35 -4.98 0.13
C VAL A 39 0.47 -6.04 0.86
N LEU A 40 1.48 -5.58 1.59
CA LEU A 40 2.36 -6.42 2.40
C LEU A 40 2.20 -6.02 3.85
N LEU A 41 2.05 -7.02 4.73
CA LEU A 41 1.80 -6.77 6.15
C LEU A 41 2.86 -7.48 6.99
N PRO A 42 3.27 -6.90 8.11
CA PRO A 42 4.27 -7.55 8.96
C PRO A 42 3.69 -8.76 9.68
N ASP A 43 4.52 -9.78 9.86
CA ASP A 43 4.16 -10.93 10.69
C ASP A 43 4.57 -10.67 12.13
N ASP A 44 4.60 -11.74 12.94
CA ASP A 44 4.97 -11.62 14.36
C ASP A 44 6.32 -10.97 14.55
N ASN A 45 7.25 -11.20 13.63
CA ASN A 45 8.62 -10.75 13.75
C ASN A 45 8.85 -9.39 13.09
N GLY A 46 7.83 -8.79 12.50
CA GLY A 46 8.01 -7.58 11.73
C GLY A 46 8.46 -7.80 10.31
N LYS A 47 8.46 -9.04 9.82
CA LYS A 47 8.84 -9.33 8.44
C LYS A 47 7.60 -9.38 7.55
N LEU A 48 7.72 -8.76 6.36
CA LEU A 48 6.56 -8.54 5.52
C LEU A 48 6.10 -9.82 4.84
N GLN A 49 4.79 -9.96 4.71
CA GLN A 49 4.19 -11.09 4.01
C GLN A 49 3.05 -10.59 3.14
N PRO A 50 2.84 -11.21 1.97
CA PRO A 50 3.60 -12.37 1.46
C PRO A 50 4.99 -12.02 0.89
N LEU A 51 5.84 -13.03 0.74
CA LEU A 51 7.12 -12.92 0.07
C LEU A 51 7.06 -13.31 -1.40
N THR A 52 5.87 -13.62 -1.91
CA THR A 52 5.67 -14.11 -3.27
C THR A 52 4.75 -13.14 -4.00
N HIS A 53 5.24 -12.58 -5.11
CA HIS A 53 4.47 -11.63 -5.88
C HIS A 53 3.36 -12.35 -6.65
N PRO A 54 2.27 -11.66 -6.98
CA PRO A 54 1.21 -12.29 -7.75
C PRO A 54 1.47 -12.24 -9.24
N GLN A 55 0.84 -13.18 -9.95
CA GLN A 55 0.91 -13.19 -11.40
C GLN A 55 0.48 -11.84 -11.95
N GLY A 56 1.25 -11.33 -12.92
CA GLY A 56 0.99 -10.05 -13.52
C GLY A 56 1.83 -8.91 -12.96
N MET A 57 2.42 -9.07 -11.77
CA MET A 57 3.35 -8.08 -11.24
C MET A 57 4.80 -8.50 -11.45
N THR A 58 5.64 -7.51 -11.71
CA THR A 58 7.06 -7.78 -11.79
C THR A 58 7.60 -7.99 -10.39
N PRO A 59 8.56 -8.89 -10.19
CA PRO A 59 9.09 -9.11 -8.84
C PRO A 59 9.82 -7.88 -8.33
N TRP A 60 9.57 -7.53 -7.07
CA TRP A 60 10.28 -6.45 -6.41
C TRP A 60 11.32 -7.03 -5.46
N ASP A 61 12.19 -6.16 -4.96
CA ASP A 61 13.23 -6.60 -4.05
C ASP A 61 12.65 -6.70 -2.65
N ASP A 62 12.63 -7.91 -2.09
CA ASP A 62 12.05 -8.14 -0.77
C ASP A 62 12.77 -7.33 0.31
N ALA A 63 14.09 -7.19 0.19
CA ALA A 63 14.84 -6.50 1.23
C ALA A 63 14.66 -5.00 1.16
N ILE A 64 14.50 -4.44 -0.04
CA ILE A 64 14.19 -3.02 -0.17
C ILE A 64 12.77 -2.74 0.33
N ALA A 65 11.83 -3.65 0.05
CA ALA A 65 10.52 -3.53 0.66
C ALA A 65 10.61 -3.52 2.18
N GLN A 66 11.38 -4.45 2.75
CA GLN A 66 11.57 -4.45 4.19
C GLN A 66 12.18 -3.13 4.67
N TRP A 67 13.16 -2.59 3.91
CA TRP A 67 13.76 -1.31 4.25
C TRP A 67 12.72 -0.19 4.29
N SER A 68 11.84 -0.15 3.29
CA SER A 68 10.80 0.86 3.24
C SER A 68 9.88 0.77 4.45
N PHE A 69 9.49 -0.45 4.83
CA PHE A 69 8.64 -0.66 5.99
C PHE A 69 9.35 -0.27 7.28
N ASP A 70 10.61 -0.70 7.41
CA ASP A 70 11.36 -0.45 8.65
C ASP A 70 11.59 1.05 8.85
N LYS A 71 11.89 1.78 7.76
CA LYS A 71 12.21 3.20 7.84
C LYS A 71 10.99 4.10 7.66
N GLY A 72 9.87 3.55 7.23
CA GLY A 72 8.70 4.37 6.92
C GLY A 72 8.93 5.31 5.77
N LEU A 73 9.68 4.89 4.75
CA LEU A 73 10.07 5.73 3.64
C LEU A 73 9.74 5.03 2.34
N PRO A 74 9.29 5.76 1.32
CA PRO A 74 9.03 5.14 0.02
C PRO A 74 10.32 4.77 -0.69
N ALA A 75 10.19 3.82 -1.62
CA ALA A 75 11.28 3.42 -2.49
C ALA A 75 10.66 3.16 -3.88
N GLY A 76 11.51 2.90 -4.84
CA GLY A 76 11.02 2.70 -6.17
C GLY A 76 10.90 4.02 -6.90
N ALA A 77 10.07 3.99 -7.92
CA ALA A 77 9.92 5.16 -8.79
C ALA A 77 9.51 6.40 -8.00
N GLY A 78 10.14 7.53 -8.34
CA GLY A 78 9.88 8.76 -7.64
C GLY A 78 10.75 8.99 -6.42
N THR A 79 11.67 8.08 -6.12
CA THR A 79 12.59 8.19 -4.99
C THR A 79 14.02 8.00 -5.48
N ASP A 80 14.96 8.24 -4.58
CA ASP A 80 16.38 8.03 -4.88
C ASP A 80 16.85 6.61 -4.58
N THR A 81 15.95 5.71 -4.15
CA THR A 81 16.25 4.31 -3.90
C THR A 81 15.52 3.49 -4.96
N LEU A 82 16.26 2.76 -5.78
CA LEU A 82 15.68 2.10 -6.94
C LEU A 82 14.83 3.07 -7.77
N PRO A 83 15.38 4.20 -8.20
CA PRO A 83 14.61 5.16 -8.99
C PRO A 83 14.15 4.62 -10.32
N GLY A 84 14.81 3.58 -10.84
CA GLY A 84 14.54 3.11 -12.18
C GLY A 84 13.57 1.97 -12.31
N VAL A 85 13.05 1.44 -11.21
CA VAL A 85 12.11 0.30 -11.28
C VAL A 85 10.73 0.78 -11.75
N PRO A 86 9.94 -0.10 -12.37
CA PRO A 86 8.64 0.33 -12.91
C PRO A 86 7.50 0.24 -11.91
N TYR A 87 7.80 0.35 -10.61
CA TYR A 87 6.78 0.29 -9.58
C TYR A 87 7.18 1.22 -8.45
N GLN A 88 6.22 1.53 -7.58
CA GLN A 88 6.48 2.25 -6.35
C GLN A 88 6.31 1.32 -5.16
N ILE A 89 7.12 1.55 -4.12
CA ILE A 89 6.99 0.87 -2.83
C ILE A 89 6.61 1.95 -1.83
N LEU A 90 5.39 1.88 -1.29
CA LEU A 90 4.82 2.96 -0.48
C LEU A 90 4.48 2.49 0.92
N PRO A 91 5.00 3.14 1.96
CA PRO A 91 4.58 2.77 3.32
C PRO A 91 3.14 3.20 3.60
N LEU A 92 2.43 2.31 4.29
CA LEU A 92 1.08 2.62 4.77
C LEU A 92 1.22 3.17 6.18
N LYS A 93 1.28 4.49 6.30
CA LYS A 93 1.64 5.14 7.55
C LYS A 93 0.46 5.90 8.13
N SER A 94 0.31 5.82 9.44
CA SER A 94 -0.58 6.71 10.18
C SER A 94 0.29 7.39 11.22
N GLY A 95 0.45 8.71 11.09
CA GLY A 95 1.42 9.39 11.92
C GLY A 95 2.81 8.92 11.55
N GLU A 96 3.61 8.62 12.57
CA GLU A 96 4.97 8.15 12.37
C GLU A 96 5.07 6.64 12.25
N LYS A 97 3.97 5.90 12.43
CA LYS A 97 3.97 4.45 12.46
C LYS A 97 3.58 3.88 11.11
N THR A 98 4.31 2.87 10.66
CA THR A 98 4.04 2.19 9.41
C THR A 98 3.40 0.84 9.72
N TYR A 99 2.24 0.59 9.13
CA TYR A 99 1.46 -0.61 9.41
C TYR A 99 1.54 -1.64 8.31
N GLY A 100 2.17 -1.28 7.20
CA GLY A 100 2.28 -2.18 6.07
C GLY A 100 2.87 -1.41 4.91
N LEU A 101 2.89 -2.07 3.74
CA LEU A 101 3.35 -1.43 2.52
C LEU A 101 2.38 -1.77 1.42
N VAL A 102 2.36 -0.92 0.39
CA VAL A 102 1.73 -1.31 -0.86
C VAL A 102 2.74 -1.14 -1.99
N VAL A 103 2.87 -2.16 -2.81
CA VAL A 103 3.66 -2.09 -4.04
C VAL A 103 2.66 -1.81 -5.16
N VAL A 104 2.90 -0.75 -5.93
CA VAL A 104 2.00 -0.32 -6.99
C VAL A 104 2.75 -0.35 -8.32
N GLU A 105 2.28 -1.16 -9.25
CA GLU A 105 2.89 -1.27 -10.58
C GLU A 105 1.87 -0.83 -11.63
N PRO A 106 1.99 0.38 -12.18
CA PRO A 106 0.97 0.87 -13.11
C PRO A 106 1.18 0.34 -14.51
N GLY A 107 0.10 0.34 -15.29
CA GLY A 107 0.23 0.06 -16.70
C GLY A 107 1.02 1.13 -17.43
N ASN A 108 0.95 2.37 -16.94
CA ASN A 108 1.57 3.54 -17.55
C ASN A 108 2.23 4.31 -16.40
N LEU A 109 3.54 4.18 -16.24
CA LEU A 109 4.23 4.83 -15.14
C LEU A 109 4.18 6.35 -15.24
N ARG A 110 4.24 6.91 -16.46
CA ARG A 110 4.16 8.36 -16.60
C ARG A 110 2.82 8.89 -16.11
N GLN A 111 1.75 8.10 -16.25
CA GLN A 111 0.44 8.51 -15.76
C GLN A 111 0.39 8.45 -14.24
N LEU A 112 0.90 7.38 -13.64
CA LEU A 112 0.88 7.27 -12.18
C LEU A 112 1.70 8.37 -11.53
N MET A 113 2.80 8.77 -12.16
CA MET A 113 3.72 9.73 -11.56
C MET A 113 3.32 11.18 -11.77
N ILE A 114 2.21 11.42 -12.46
CA ILE A 114 1.67 12.79 -12.51
C ILE A 114 1.49 13.28 -11.07
N PRO A 115 1.99 14.45 -10.70
CA PRO A 115 1.95 14.86 -9.28
C PRO A 115 0.54 14.84 -8.67
N GLU A 116 -0.47 15.28 -9.40
CA GLU A 116 -1.83 15.20 -8.87
C GLU A 116 -2.23 13.76 -8.53
N GLN A 117 -1.84 12.80 -9.37
N GLN A 117 -1.81 12.80 -9.37
CA GLN A 117 -2.13 11.40 -9.05
CA GLN A 117 -2.10 11.39 -9.13
C GLN A 117 -1.37 10.94 -7.83
C GLN A 117 -1.36 10.88 -7.91
N GLN A 118 -0.10 11.29 -7.73
CA GLN A 118 0.68 10.97 -6.53
C GLN A 118 0.03 11.52 -5.27
N ARG A 119 -0.50 12.74 -5.32
CA ARG A 119 -1.15 13.29 -4.13
C ARG A 119 -2.41 12.52 -3.78
N LEU A 120 -3.17 12.09 -4.79
CA LEU A 120 -4.35 11.28 -4.54
C LEU A 120 -3.97 9.94 -3.96
N LEU A 121 -2.92 9.31 -4.51
CA LEU A 121 -2.49 8.02 -4.01
C LEU A 121 -2.03 8.12 -2.56
N GLU A 122 -1.40 9.23 -2.19
CA GLU A 122 -1.01 9.38 -0.79
C GLU A 122 -2.23 9.39 0.12
N THR A 123 -3.30 10.04 -0.29
CA THR A 123 -4.51 10.04 0.52
C THR A 123 -5.08 8.63 0.63
N PHE A 124 -5.05 7.86 -0.46
CA PHE A 124 -5.48 6.47 -0.39
C PHE A 124 -4.66 5.70 0.64
N THR A 125 -3.33 5.81 0.61
CA THR A 125 -2.53 5.03 1.56
C THR A 125 -2.78 5.46 3.00
N LEU A 126 -3.15 6.72 3.21
CA LEU A 126 -3.47 7.16 4.57
C LEU A 126 -4.75 6.49 5.07
N LEU A 127 -5.76 6.38 4.20
CA LEU A 127 -7.00 5.71 4.62
C LEU A 127 -6.76 4.22 4.85
N VAL A 128 -5.96 3.57 4.00
CA VAL A 128 -5.62 2.17 4.23
C VAL A 128 -4.89 2.00 5.56
N ALA A 129 -3.93 2.88 5.82
CA ALA A 129 -3.16 2.80 7.06
C ALA A 129 -4.05 2.94 8.28
N ASN A 130 -5.03 3.86 8.22
CA ASN A 130 -5.95 4.04 9.34
C ASN A 130 -6.75 2.77 9.59
N ALA A 131 -7.14 2.07 8.52
CA ALA A 131 -7.90 0.83 8.69
C ALA A 131 -7.04 -0.26 9.33
N LEU A 132 -5.81 -0.41 8.84
CA LEU A 132 -4.87 -1.36 9.43
C LEU A 132 -4.58 -1.01 10.89
N GLU A 133 -4.42 0.29 11.20
CA GLU A 133 -4.18 0.69 12.58
C GLU A 133 -5.35 0.33 13.48
N ARG A 134 -6.57 0.56 12.99
CA ARG A 134 -7.75 0.22 13.78
C ARG A 134 -7.81 -1.27 14.08
N LEU A 135 -7.61 -2.11 13.07
CA LEU A 135 -7.71 -3.56 13.29
C LEU A 135 -6.59 -4.06 14.21
N THR A 136 -5.37 -3.59 13.98
CA THR A 136 -4.23 -4.02 14.79
C THR A 136 -4.43 -3.65 16.25
N LYS A 137 -4.78 -2.39 16.52
CA LYS A 137 -4.91 -1.96 17.91
C LYS A 137 -6.11 -2.61 18.60
N LEU A 138 -7.18 -2.89 17.85
CA LEU A 138 -8.34 -3.55 18.44
C LEU A 138 -8.02 -5.01 18.78
N ALA A 139 -7.40 -5.74 17.85
CA ALA A 139 -7.00 -7.11 18.13
C ALA A 139 -6.09 -7.19 19.35
N ALA A 140 -5.18 -6.22 19.49
CA ALA A 140 -4.32 -6.20 20.67
C ALA A 140 -5.12 -5.93 21.93
N ALA A 141 -6.08 -5.01 21.85
CA ALA A 141 -6.94 -4.71 23.00
C ALA A 141 -7.67 -5.94 23.49
N LEU A 142 -8.01 -6.86 22.58
CA LEU A 142 -8.85 -8.00 22.90
C LEU A 142 -8.10 -9.32 23.00
N GLU A 143 -6.90 -9.42 22.44
CA GLU A 143 -6.17 -10.69 22.43
C GLU A 143 -4.75 -10.54 22.97
#